data_5Z4Z
#
_entry.id   5Z4Z
#
_cell.length_a   106.084
_cell.length_b   53.222
_cell.length_c   57.456
_cell.angle_alpha   90.00
_cell.angle_beta   91.66
_cell.angle_gamma   90.00
#
_symmetry.space_group_name_H-M   'C 1 2 1'
#
loop_
_entity.id
_entity.type
_entity.pdbx_description
1 polymer 'Transcriptional regulator CysB'
2 non-polymer 'SULFATE ION'
3 water water
#
_entity_poly.entity_id   1
_entity_poly.type   'polypeptide(L)'
_entity_poly.pdbx_seq_one_letter_code
;SMKLQQLRYIWEVAHHDLNVSATAQSLYTSQPGISKQIRLLEDELGVEVFARSGKHLTRVTPAGERIIHTAGEILRKVES
IKQIAQEFSNE
;
_entity_poly.pdbx_strand_id   A,B,C
#
loop_
_chem_comp.id
_chem_comp.type
_chem_comp.name
_chem_comp.formula
SO4 non-polymer 'SULFATE ION' 'O4 S -2'
#
# COMPACT_ATOMS: atom_id res chain seq x y z
N SER A 1 4.10 2.19 -1.05
CA SER A 1 3.06 3.19 -0.87
C SER A 1 2.16 2.91 0.33
N MET A 2 2.00 1.64 0.70
CA MET A 2 1.23 1.29 1.90
C MET A 2 1.94 1.82 3.14
N LYS A 3 1.16 2.44 4.03
CA LYS A 3 1.65 3.16 5.20
C LYS A 3 1.20 2.46 6.46
N LEU A 4 2.04 2.49 7.49
CA LEU A 4 1.63 1.98 8.80
C LEU A 4 0.40 2.71 9.31
N GLN A 5 0.33 4.02 9.06
CA GLN A 5 -0.82 4.80 9.51
C GLN A 5 -2.11 4.29 8.89
N GLN A 6 -2.06 3.86 7.65
CA GLN A 6 -3.21 3.32 7.02
C GLN A 6 -3.61 2.03 7.71
N LEU A 7 -2.66 1.18 8.04
CA LEU A 7 -2.94 -0.05 8.78
C LEU A 7 -3.47 0.26 10.18
N ARG A 8 -2.94 1.30 10.81
CA ARG A 8 -3.47 1.71 12.10
C ARG A 8 -4.93 2.16 11.98
N TYR A 9 -5.24 2.96 10.94
CA TYR A 9 -6.59 3.47 10.77
C TYR A 9 -7.61 2.35 10.58
N ILE A 10 -7.35 1.42 9.66
CA ILE A 10 -8.34 0.39 9.43
C ILE A 10 -8.51 -0.47 10.68
N TRP A 11 -7.42 -0.75 11.40
CA TRP A 11 -7.56 -1.50 12.66
C TRP A 11 -8.42 -0.72 13.65
N GLU A 12 -8.17 0.58 13.80
CA GLU A 12 -8.91 1.34 14.81
C GLU A 12 -10.37 1.56 14.39
N VAL A 13 -10.63 1.83 13.12
CA VAL A 13 -12.02 1.97 12.68
C VAL A 13 -12.80 0.70 12.99
N ALA A 14 -12.19 -0.47 12.74
CA ALA A 14 -12.85 -1.74 13.03
C ALA A 14 -13.10 -1.94 14.52
N HIS A 15 -12.22 -1.45 15.38
CA HIS A 15 -12.40 -1.62 16.82
C HIS A 15 -13.13 -0.45 17.49
N HIS A 16 -13.62 0.51 16.72
CA HIS A 16 -14.55 1.52 17.22
C HIS A 16 -15.92 1.39 16.54
N ASP A 17 -16.29 0.14 16.22
CA ASP A 17 -17.59 -0.19 15.63
C ASP A 17 -17.87 0.59 14.35
N LEU A 18 -16.85 0.73 13.51
CA LEU A 18 -16.96 1.35 12.20
C LEU A 18 -17.41 2.81 12.27
N ASN A 19 -17.24 3.44 13.43
CA ASN A 19 -17.54 4.86 13.59
C ASN A 19 -16.26 5.65 13.33
N VAL A 20 -16.20 6.31 12.17
CA VAL A 20 -14.97 7.01 11.81
C VAL A 20 -14.80 8.27 12.65
N SER A 21 -15.89 8.93 13.02
CA SER A 21 -15.77 10.14 13.82
C SER A 21 -15.25 9.82 15.22
N ALA A 22 -15.77 8.76 15.85
CA ALA A 22 -15.22 8.33 17.12
C ALA A 22 -13.76 7.92 16.99
N THR A 23 -13.43 7.19 15.91
CA THR A 23 -12.03 6.82 15.70
C THR A 23 -11.16 8.07 15.58
N ALA A 24 -11.61 9.05 14.79
CA ALA A 24 -10.90 10.32 14.67
C ALA A 24 -10.67 10.98 16.03
N GLN A 25 -11.71 11.03 16.86
CA GLN A 25 -11.58 11.71 18.15
C GLN A 25 -10.55 11.01 19.04
N SER A 26 -10.55 9.67 19.05
CA SER A 26 -9.64 8.93 19.92
C SER A 26 -8.20 9.00 19.43
N LEU A 27 -7.99 9.10 18.11
CA LEU A 27 -6.65 9.17 17.55
C LEU A 27 -6.20 10.59 17.34
N TYR A 28 -6.97 11.55 17.83
CA TYR A 28 -6.67 12.97 17.74
C TYR A 28 -6.29 13.34 16.30
N THR A 29 -7.23 13.09 15.40
CA THR A 29 -7.07 13.49 14.01
C THR A 29 -8.44 13.74 13.43
N SER A 30 -8.46 14.22 12.19
CA SER A 30 -9.72 14.58 11.55
C SER A 30 -10.37 13.37 10.91
N GLN A 31 -11.70 13.38 10.91
CA GLN A 31 -12.45 12.36 10.16
C GLN A 31 -12.11 12.36 8.67
N PRO A 32 -12.04 13.51 7.97
CA PRO A 32 -11.62 13.46 6.57
C PRO A 32 -10.25 12.84 6.37
N GLY A 33 -9.30 13.12 7.26
CA GLY A 33 -7.98 12.51 7.14
C GLY A 33 -8.03 10.99 7.14
N ILE A 34 -8.78 10.42 8.09
CA ILE A 34 -8.90 8.97 8.18
C ILE A 34 -9.53 8.42 6.91
N SER A 35 -10.65 9.02 6.48
CA SER A 35 -11.35 8.51 5.31
C SER A 35 -10.47 8.56 4.07
N LYS A 36 -9.70 9.65 3.93
CA LYS A 36 -8.87 9.77 2.73
C LYS A 36 -7.75 8.73 2.74
N GLN A 37 -7.18 8.44 3.92
CA GLN A 37 -6.10 7.47 3.97
C GLN A 37 -6.60 6.06 3.74
N ILE A 38 -7.79 5.74 4.25
CA ILE A 38 -8.37 4.42 4.00
C ILE A 38 -8.65 4.24 2.51
N ARG A 39 -9.18 5.28 1.86
CA ARG A 39 -9.45 5.23 0.43
C ARG A 39 -8.17 5.06 -0.39
N LEU A 40 -7.08 5.72 0.03
CA LEU A 40 -5.80 5.50 -0.64
C LEU A 40 -5.34 4.06 -0.50
N LEU A 41 -5.46 3.49 0.70
CA LEU A 41 -5.12 2.08 0.90
C LEU A 41 -5.95 1.20 -0.03
N GLU A 42 -7.27 1.41 -0.05
CA GLU A 42 -8.13 0.53 -0.83
C GLU A 42 -7.82 0.65 -2.32
N ASP A 43 -7.51 1.85 -2.80
CA ASP A 43 -7.12 2.01 -4.20
C ASP A 43 -5.87 1.20 -4.51
N GLU A 44 -4.87 1.24 -3.61
CA GLU A 44 -3.61 0.52 -3.84
C GLU A 44 -3.80 -0.99 -3.74
N LEU A 45 -4.67 -1.44 -2.83
CA LEU A 45 -4.91 -2.88 -2.71
C LEU A 45 -5.89 -3.40 -3.74
N GLY A 46 -6.72 -2.53 -4.34
CA GLY A 46 -7.68 -3.00 -5.30
C GLY A 46 -8.86 -3.74 -4.71
N VAL A 47 -9.10 -3.57 -3.40
CA VAL A 47 -10.25 -4.15 -2.72
C VAL A 47 -10.74 -3.13 -1.70
N GLU A 48 -12.04 -3.19 -1.38
CA GLU A 48 -12.56 -2.39 -0.29
C GLU A 48 -12.51 -3.16 1.02
N VAL A 49 -12.07 -2.48 2.08
CA VAL A 49 -11.99 -3.05 3.42
C VAL A 49 -13.33 -2.98 4.15
N PHE A 50 -14.13 -1.95 3.89
CA PHE A 50 -15.43 -1.79 4.52
C PHE A 50 -16.48 -1.61 3.43
N ALA A 51 -17.66 -2.18 3.67
CA ALA A 51 -18.82 -1.85 2.85
C ALA A 51 -19.45 -0.55 3.34
N ARG A 52 -19.91 0.26 2.41
CA ARG A 52 -20.44 1.57 2.69
C ARG A 52 -21.91 1.62 2.33
N SER A 53 -22.58 2.64 2.85
CA SER A 53 -23.97 2.91 2.51
C SER A 53 -24.29 4.34 2.93
N GLY A 54 -24.14 5.26 1.99
N HIS A 56 -22.42 6.06 6.02
CA HIS A 56 -22.14 5.14 7.11
C HIS A 56 -21.36 3.92 6.61
N LEU A 57 -20.41 3.44 7.41
CA LEU A 57 -19.81 2.14 7.12
C LEU A 57 -20.67 1.09 7.79
N THR A 58 -20.92 0.02 7.06
CA THR A 58 -21.90 -0.97 7.51
C THR A 58 -21.28 -2.25 8.03
N ARG A 59 -20.18 -2.70 7.44
CA ARG A 59 -19.53 -3.94 7.86
C ARG A 59 -18.13 -3.98 7.29
N VAL A 60 -17.34 -4.89 7.83
CA VAL A 60 -16.04 -5.24 7.24
C VAL A 60 -16.28 -6.28 6.16
N THR A 61 -15.66 -6.11 5.01
CA THR A 61 -15.87 -7.04 3.89
C THR A 61 -15.03 -8.29 4.12
N PRO A 62 -15.30 -9.37 3.39
CA PRO A 62 -14.46 -10.59 3.57
C PRO A 62 -12.98 -10.34 3.36
N ALA A 63 -12.60 -9.56 2.35
CA ALA A 63 -11.19 -9.20 2.21
C ALA A 63 -10.74 -8.36 3.40
N GLY A 64 -11.62 -7.46 3.86
CA GLY A 64 -11.27 -6.61 4.98
C GLY A 64 -11.01 -7.37 6.25
N GLU A 65 -11.77 -8.44 6.50
CA GLU A 65 -11.55 -9.21 7.72
C GLU A 65 -10.12 -9.72 7.78
N ARG A 66 -9.60 -10.21 6.64
CA ARG A 66 -8.26 -10.77 6.57
C ARG A 66 -7.19 -9.68 6.72
N ILE A 67 -7.36 -8.58 5.99
CA ILE A 67 -6.37 -7.49 5.96
C ILE A 67 -6.25 -6.84 7.34
N ILE A 68 -7.39 -6.60 7.99
CA ILE A 68 -7.39 -5.98 9.32
C ILE A 68 -6.70 -6.88 10.33
N HIS A 69 -6.96 -8.19 10.27
CA HIS A 69 -6.32 -9.14 11.17
C HIS A 69 -4.81 -9.11 11.02
N THR A 70 -4.32 -9.07 9.78
CA THR A 70 -2.89 -8.97 9.53
C THR A 70 -2.35 -7.61 9.95
N ALA A 71 -3.12 -6.54 9.74
CA ALA A 71 -2.74 -5.22 10.24
C ALA A 71 -2.53 -5.25 11.75
N GLY A 72 -3.37 -5.97 12.48
CA GLY A 72 -3.18 -6.08 13.92
C GLY A 72 -1.87 -6.76 14.28
N GLU A 73 -1.55 -7.85 13.57
CA GLU A 73 -0.27 -8.52 13.76
C GLU A 73 0.88 -7.56 13.48
N ILE A 74 0.76 -6.75 12.44
CA ILE A 74 1.82 -5.81 12.13
C ILE A 74 1.96 -4.79 13.26
N LEU A 75 0.84 -4.28 13.78
CA LEU A 75 0.90 -3.28 14.85
C LEU A 75 1.50 -3.86 16.13
N ARG A 76 1.19 -5.11 16.47
CA ARG A 76 1.84 -5.76 17.61
C ARG A 76 3.34 -5.90 17.40
N LYS A 77 3.78 -6.22 16.18
CA LYS A 77 5.22 -6.30 15.91
C LYS A 77 5.88 -4.93 15.97
N VAL A 78 5.19 -3.86 15.55
CA VAL A 78 5.74 -2.52 15.77
C VAL A 78 5.90 -2.25 17.26
N GLU A 79 4.96 -2.71 18.07
CA GLU A 79 5.13 -2.58 19.52
C GLU A 79 6.30 -3.43 19.99
N SER A 80 6.56 -4.56 19.35
CA SER A 80 7.67 -5.39 19.79
C SER A 80 9.00 -4.69 19.53
N ILE A 81 9.09 -3.96 18.42
CA ILE A 81 10.33 -3.23 18.12
C ILE A 81 10.59 -2.19 19.21
N LYS A 82 9.56 -1.44 19.62
CA LYS A 82 9.74 -0.47 20.70
C LYS A 82 10.17 -1.14 21.99
N GLN A 83 9.66 -2.34 22.27
CA GLN A 83 10.05 -3.05 23.48
C GLN A 83 11.50 -3.51 23.42
N ILE A 84 11.94 -4.00 22.25
CA ILE A 84 13.34 -4.37 22.07
C ILE A 84 14.23 -3.17 22.34
N ALA A 85 13.86 -2.02 21.77
CA ALA A 85 14.64 -0.82 21.97
C ALA A 85 14.72 -0.45 23.44
N GLN A 86 13.60 -0.56 24.16
CA GLN A 86 13.63 -0.26 25.59
C GLN A 86 14.53 -1.24 26.34
N GLU A 87 14.49 -2.50 25.95
CA GLU A 87 15.30 -3.49 26.65
C GLU A 87 16.80 -3.22 26.48
N PHE A 88 17.21 -2.74 25.31
CA PHE A 88 18.61 -2.45 25.04
C PHE A 88 19.00 -1.01 25.34
N SER A 89 18.28 -0.32 26.22
CA SER A 89 18.65 1.02 26.64
C SER A 89 18.14 1.26 28.06
N ASN A 90 18.30 2.49 28.55
CA ASN A 90 17.78 2.90 29.85
C ASN A 90 16.65 3.92 29.73
N SER B 1 4.91 7.47 14.21
CA SER B 1 6.04 8.13 13.58
C SER B 1 6.98 7.11 12.93
N MET B 2 7.00 5.89 13.47
CA MET B 2 7.76 4.83 12.84
C MET B 2 7.12 4.47 11.50
N LYS B 3 7.96 4.32 10.47
CA LYS B 3 7.47 4.19 9.10
C LYS B 3 7.82 2.83 8.51
N LEU B 4 6.91 2.29 7.70
CA LEU B 4 7.21 1.07 6.95
C LEU B 4 8.43 1.28 6.09
N GLN B 5 8.56 2.47 5.50
CA GLN B 5 9.71 2.78 4.67
C GLN B 5 11.01 2.67 5.48
N GLN B 6 11.00 3.07 6.75
CA GLN B 6 12.22 2.96 7.57
C GLN B 6 12.55 1.51 7.91
N LEU B 7 11.55 0.67 8.11
CA LEU B 7 11.80 -0.75 8.31
C LEU B 7 12.36 -1.41 7.06
N ARG B 8 11.84 -1.05 5.88
CA ARG B 8 12.40 -1.54 4.63
C ARG B 8 13.85 -1.12 4.46
N TYR B 9 14.18 0.13 4.81
CA TYR B 9 15.54 0.62 4.64
C TYR B 9 16.52 -0.15 5.53
N ILE B 10 16.22 -0.28 6.83
CA ILE B 10 17.21 -0.94 7.69
C ILE B 10 17.35 -2.40 7.26
N TRP B 11 16.27 -3.02 6.79
CA TRP B 11 16.36 -4.38 6.28
C TRP B 11 17.26 -4.46 5.05
N GLU B 12 17.09 -3.52 4.12
CA GLU B 12 17.85 -3.64 2.87
C GLU B 12 19.31 -3.27 3.07
N VAL B 13 19.59 -2.25 3.91
CA VAL B 13 20.98 -1.94 4.23
C VAL B 13 21.66 -3.15 4.86
N ALA B 14 20.94 -3.86 5.75
CA ALA B 14 21.50 -5.05 6.38
C ALA B 14 21.78 -6.13 5.35
N HIS B 15 20.97 -6.22 4.29
CA HIS B 15 21.16 -7.23 3.28
C HIS B 15 21.96 -6.76 2.07
N HIS B 16 22.47 -5.53 2.10
CA HIS B 16 23.38 -5.03 1.07
C HIS B 16 24.77 -4.74 1.65
N ASP B 17 25.23 -5.58 2.57
CA ASP B 17 26.57 -5.46 3.16
C ASP B 17 26.79 -4.09 3.80
N LEU B 18 25.76 -3.53 4.39
CA LEU B 18 25.82 -2.23 5.05
C LEU B 18 26.27 -1.11 4.12
N ASN B 19 26.11 -1.28 2.80
CA ASN B 19 26.41 -0.23 1.82
C ASN B 19 25.14 0.55 1.54
N VAL B 20 25.06 1.78 2.03
CA VAL B 20 23.84 2.57 1.87
C VAL B 20 23.68 3.03 0.41
N SER B 21 24.77 3.34 -0.30
CA SER B 21 24.60 3.75 -1.70
C SER B 21 24.13 2.59 -2.56
N ALA B 22 24.68 1.38 -2.35
CA ALA B 22 24.16 0.22 -3.06
C ALA B 22 22.70 -0.02 -2.69
N THR B 23 22.36 0.15 -1.41
CA THR B 23 20.96 0.02 -1.00
C THR B 23 20.08 1.04 -1.73
N ALA B 24 20.52 2.30 -1.76
CA ALA B 24 19.81 3.33 -2.52
C ALA B 24 19.63 2.93 -3.98
N GLN B 25 20.70 2.40 -4.58
CA GLN B 25 20.63 2.03 -5.99
C GLN B 25 19.57 0.96 -6.23
N SER B 26 19.46 0.00 -5.33
CA SER B 26 18.49 -1.07 -5.52
C SER B 26 17.06 -0.58 -5.30
N LEU B 27 16.88 0.40 -4.42
CA LEU B 27 15.55 0.90 -4.10
C LEU B 27 15.15 2.11 -4.93
N TYR B 28 16.02 2.61 -5.79
CA TYR B 28 15.69 3.72 -6.70
C TYR B 28 15.31 4.98 -5.93
N THR B 29 16.07 5.26 -4.87
CA THR B 29 15.95 6.47 -4.08
C THR B 29 17.35 6.93 -3.74
N SER B 30 17.47 8.12 -3.15
CA SER B 30 18.79 8.69 -2.89
C SER B 30 19.39 8.16 -1.60
N GLN B 31 20.72 8.03 -1.61
CA GLN B 31 21.42 7.64 -0.39
C GLN B 31 21.25 8.62 0.77
N PRO B 32 21.34 9.95 0.60
CA PRO B 32 21.06 10.84 1.74
C PRO B 32 19.67 10.65 2.33
N GLY B 33 18.65 10.46 1.48
CA GLY B 33 17.32 10.22 2.01
C GLY B 33 17.25 8.99 2.89
N ILE B 34 17.89 7.90 2.46
CA ILE B 34 17.89 6.66 3.25
C ILE B 34 18.61 6.88 4.57
N SER B 35 19.82 7.47 4.54
CA SER B 35 20.57 7.64 5.78
C SER B 35 19.79 8.50 6.77
N LYS B 36 19.15 9.56 6.27
CA LYS B 36 18.40 10.44 7.16
C LYS B 36 17.19 9.72 7.75
N GLN B 37 16.53 8.84 6.98
CA GLN B 37 15.35 8.16 7.51
C GLN B 37 15.71 7.12 8.55
N ILE B 38 16.86 6.45 8.36
CA ILE B 38 17.34 5.52 9.37
C ILE B 38 17.71 6.26 10.65
N ARG B 39 18.36 7.42 10.53
CA ARG B 39 18.72 8.23 11.69
C ARG B 39 17.48 8.67 12.47
N LEU B 40 16.41 9.05 11.75
CA LEU B 40 15.17 9.42 12.42
C LEU B 40 14.63 8.25 13.21
N LEU B 41 14.60 7.07 12.59
CA LEU B 41 14.18 5.85 13.26
C LEU B 41 15.01 5.62 14.54
N GLU B 42 16.34 5.73 14.43
CA GLU B 42 17.20 5.49 15.59
C GLU B 42 16.97 6.54 16.67
N ASP B 43 16.71 7.80 16.26
CA ASP B 43 16.36 8.84 17.23
C ASP B 43 15.10 8.47 18.00
N GLU B 44 14.08 8.00 17.29
CA GLU B 44 12.80 7.70 17.94
C GLU B 44 12.90 6.48 18.85
N LEU B 45 13.68 5.47 18.47
CA LEU B 45 13.83 4.29 19.31
C LEU B 45 14.83 4.49 20.44
N GLY B 46 15.74 5.46 20.32
CA GLY B 46 16.77 5.64 21.32
C GLY B 46 17.90 4.63 21.31
N VAL B 47 18.05 3.85 20.24
CA VAL B 47 19.17 2.94 20.07
C VAL B 47 19.58 2.96 18.60
N GLU B 48 20.84 2.66 18.37
CA GLU B 48 21.36 2.53 17.02
C GLU B 48 21.16 1.13 16.48
N VAL B 49 20.71 1.05 15.24
CA VAL B 49 20.58 -0.22 14.56
C VAL B 49 21.92 -0.68 14.00
N PHE B 50 22.75 0.28 13.58
CA PHE B 50 24.05 0.02 12.99
C PHE B 50 25.11 0.82 13.75
N ALA B 51 26.26 0.22 13.98
CA ALA B 51 27.41 0.94 14.54
C ALA B 51 28.06 1.79 13.47
N ARG B 52 28.55 2.96 13.86
CA ARG B 52 29.08 3.92 12.91
C ARG B 52 30.55 4.17 13.16
N SER B 53 31.20 4.69 12.11
CA SER B 53 32.61 5.08 12.20
C SER B 53 32.87 5.99 10.99
N GLY B 54 32.60 7.28 11.18
CA GLY B 54 32.73 8.25 10.12
C GLY B 54 31.54 8.26 9.17
N HIS B 56 30.88 5.82 7.43
CA HIS B 56 30.67 4.40 7.18
C HIS B 56 29.94 3.70 8.34
N LEU B 57 29.06 2.76 8.00
CA LEU B 57 28.50 1.83 8.98
C LEU B 57 29.42 0.63 9.09
N THR B 58 29.61 0.14 10.32
CA THR B 58 30.56 -0.94 10.51
C THR B 58 29.92 -2.28 10.83
N ARG B 59 28.81 -2.30 11.57
CA ARG B 59 28.21 -3.56 11.96
C ARG B 59 26.79 -3.29 12.41
N VAL B 60 26.02 -4.36 12.52
CA VAL B 60 24.70 -4.31 13.13
C VAL B 60 24.88 -4.42 14.63
N THR B 61 24.13 -3.62 15.39
CA THR B 61 24.24 -3.64 16.84
C THR B 61 23.43 -4.80 17.41
N PRO B 62 23.64 -5.15 18.67
CA PRO B 62 22.82 -6.22 19.28
C PRO B 62 21.32 -5.92 19.24
N ALA B 63 20.91 -4.70 19.58
CA ALA B 63 19.51 -4.34 19.39
C ALA B 63 19.16 -4.33 17.90
N GLY B 64 20.11 -3.92 17.05
CA GLY B 64 19.83 -3.91 15.61
C GLY B 64 19.50 -5.29 15.06
N GLU B 65 20.20 -6.32 15.53
CA GLU B 65 19.93 -7.66 15.04
C GLU B 65 18.48 -8.03 15.30
N ARG B 66 18.02 -7.77 16.52
CA ARG B 66 16.64 -8.07 16.91
C ARG B 66 15.66 -7.21 16.11
N ILE B 67 15.92 -5.91 16.01
CA ILE B 67 14.98 -5.00 15.36
C ILE B 67 14.86 -5.32 13.87
N ILE B 68 15.99 -5.58 13.20
CA ILE B 68 15.96 -5.92 11.78
C ILE B 68 15.19 -7.21 11.56
N HIS B 69 15.38 -8.18 12.44
CA HIS B 69 14.63 -9.43 12.32
C HIS B 69 13.12 -9.18 12.37
N THR B 70 12.68 -8.35 13.32
CA THR B 70 11.26 -8.04 13.40
C THR B 70 10.81 -7.23 12.19
N ALA B 71 11.67 -6.33 11.71
CA ALA B 71 11.36 -5.58 10.50
C ALA B 71 11.09 -6.54 9.35
N GLY B 72 11.89 -7.60 9.24
CA GLY B 72 11.66 -8.58 8.20
C GLY B 72 10.33 -9.27 8.34
N GLU B 73 9.96 -9.65 9.56
CA GLU B 73 8.63 -10.23 9.80
C GLU B 73 7.53 -9.28 9.34
N ILE B 74 7.68 -7.99 9.65
CA ILE B 74 6.67 -6.99 9.32
C ILE B 74 6.51 -6.87 7.81
N LEU B 75 7.64 -6.82 7.09
CA LEU B 75 7.60 -6.70 5.64
C LEU B 75 6.93 -7.89 4.98
N ARG B 76 7.13 -9.09 5.54
CA ARG B 76 6.49 -10.28 4.99
C ARG B 76 4.99 -10.26 5.25
N LYS B 77 4.58 -9.77 6.42
CA LYS B 77 3.17 -9.58 6.69
C LYS B 77 2.56 -8.54 5.75
N VAL B 78 3.30 -7.48 5.43
CA VAL B 78 2.84 -6.52 4.43
C VAL B 78 2.69 -7.19 3.06
N GLU B 79 3.65 -8.04 2.71
CA GLU B 79 3.50 -8.77 1.46
C GLU B 79 2.27 -9.67 1.48
N SER B 80 1.94 -10.24 2.64
CA SER B 80 0.76 -11.10 2.68
C SER B 80 -0.53 -10.30 2.50
N ILE B 81 -0.60 -9.06 3.00
CA ILE B 81 -1.79 -8.25 2.78
C ILE B 81 -2.00 -8.02 1.27
N LYS B 82 -0.92 -7.70 0.55
CA LYS B 82 -0.97 -7.52 -0.90
C LYS B 82 -1.38 -8.80 -1.62
N GLN B 83 -0.94 -9.95 -1.10
CA GLN B 83 -1.34 -11.22 -1.69
C GLN B 83 -2.81 -11.51 -1.43
N ILE B 84 -3.27 -11.24 -0.21
CA ILE B 84 -4.68 -11.41 0.14
C ILE B 84 -5.55 -10.53 -0.75
N ALA B 85 -5.17 -9.26 -0.88
CA ALA B 85 -5.94 -8.33 -1.70
C ALA B 85 -6.01 -8.80 -3.14
N GLN B 86 -4.89 -9.31 -3.68
CA GLN B 86 -4.88 -9.77 -5.06
C GLN B 86 -5.84 -10.93 -5.26
N GLU B 87 -5.88 -11.86 -4.30
CA GLU B 87 -6.72 -13.03 -4.45
C GLU B 87 -8.19 -12.66 -4.37
N PHE B 88 -8.53 -11.63 -3.57
CA PHE B 88 -9.94 -11.26 -3.49
C PHE B 88 -10.38 -10.34 -4.62
N SER B 89 -9.52 -9.41 -5.05
CA SER B 89 -9.86 -8.54 -6.16
C SER B 89 -10.09 -9.32 -7.45
N ASN B 90 -9.47 -10.47 -7.61
CA ASN B 90 -9.65 -11.30 -8.79
C ASN B 90 -10.62 -12.46 -8.61
N GLU B 91 -11.28 -12.55 -7.46
CA GLU B 91 -12.37 -13.51 -7.27
C GLU B 91 -13.69 -12.86 -7.68
N SER C 1 -21.32 -0.56 -26.11
CA SER C 1 -20.10 -1.20 -26.59
C SER C 1 -19.01 -1.10 -25.54
N MET C 2 -19.05 -0.03 -24.74
CA MET C 2 -18.09 0.14 -23.66
C MET C 2 -18.27 -0.95 -22.59
N LYS C 3 -17.16 -1.55 -22.17
CA LYS C 3 -17.21 -2.69 -21.25
C LYS C 3 -16.59 -2.33 -19.90
N LEU C 4 -17.22 -2.83 -18.83
CA LEU C 4 -16.71 -2.64 -17.48
C LEU C 4 -15.27 -3.13 -17.35
N GLN C 5 -14.95 -4.24 -18.02
CA GLN C 5 -13.59 -4.77 -18.00
C GLN C 5 -12.61 -3.77 -18.59
N GLN C 6 -13.02 -3.05 -19.65
CA GLN C 6 -12.14 -2.05 -20.24
C GLN C 6 -11.97 -0.85 -19.32
N LEU C 7 -13.00 -0.48 -18.58
CA LEU C 7 -12.85 0.58 -17.60
C LEU C 7 -11.91 0.16 -16.46
N ARG C 8 -12.02 -1.09 -16.01
CA ARG C 8 -11.12 -1.60 -14.98
C ARG C 8 -9.67 -1.61 -15.45
N TYR C 9 -9.46 -1.99 -16.71
CA TYR C 9 -8.12 -2.03 -17.24
C TYR C 9 -7.48 -0.64 -17.25
N ILE C 10 -8.20 0.36 -17.77
CA ILE C 10 -7.58 1.69 -17.84
C ILE C 10 -7.37 2.29 -16.45
N TRP C 11 -8.25 1.98 -15.49
CA TRP C 11 -8.01 2.51 -14.15
C TRP C 11 -6.84 1.80 -13.48
N GLU C 12 -6.73 0.48 -13.66
CA GLU C 12 -5.61 -0.23 -13.04
C GLU C 12 -4.28 0.13 -13.69
N VAL C 13 -4.26 0.31 -15.02
CA VAL C 13 -3.03 0.77 -15.67
C VAL C 13 -2.57 2.09 -15.07
N ALA C 14 -3.51 3.02 -14.91
CA ALA C 14 -3.20 4.34 -14.35
C ALA C 14 -2.71 4.21 -12.92
N HIS C 15 -3.22 3.22 -12.17
CA HIS C 15 -2.76 3.04 -10.81
C HIS C 15 -1.60 2.08 -10.69
N HIS C 16 -1.04 1.63 -11.81
CA HIS C 16 0.23 0.93 -11.79
C HIS C 16 1.31 1.73 -12.51
N ASP C 17 1.23 3.06 -12.43
CA ASP C 17 2.20 3.98 -13.02
C ASP C 17 2.41 3.68 -14.50
N LEU C 18 1.32 3.37 -15.21
CA LEU C 18 1.30 3.05 -16.64
C LEU C 18 2.13 1.82 -16.99
N ASN C 19 2.38 0.94 -16.02
CA ASN C 19 3.13 -0.30 -16.24
C ASN C 19 2.12 -1.41 -16.53
N VAL C 20 1.99 -1.77 -17.81
CA VAL C 20 0.96 -2.74 -18.21
C VAL C 20 1.29 -4.15 -17.74
N SER C 21 2.58 -4.49 -17.67
CA SER C 21 2.96 -5.82 -17.19
C SER C 21 2.69 -5.96 -15.69
N ALA C 22 3.00 -4.93 -14.89
CA ALA C 22 2.55 -4.96 -13.49
C ALA C 22 1.03 -5.02 -13.41
N THR C 23 0.34 -4.31 -14.30
CA THR C 23 -1.12 -4.39 -14.34
C THR C 23 -1.58 -5.80 -14.68
N ALA C 24 -0.99 -6.40 -15.72
CA ALA C 24 -1.29 -7.80 -16.02
C ALA C 24 -1.03 -8.67 -14.81
N GLN C 25 0.09 -8.45 -14.13
CA GLN C 25 0.44 -9.27 -12.98
C GLN C 25 -0.63 -9.17 -11.89
N SER C 26 -1.14 -7.96 -11.66
CA SER C 26 -2.10 -7.73 -10.59
C SER C 26 -3.47 -8.31 -10.90
N LEU C 27 -3.83 -8.39 -12.18
CA LEU C 27 -5.13 -8.88 -12.61
C LEU C 27 -5.10 -10.33 -13.06
N TYR C 28 -3.98 -11.04 -12.87
CA TYR C 28 -3.84 -12.44 -13.27
C TYR C 28 -4.25 -12.66 -14.73
N THR C 29 -3.82 -11.74 -15.61
CA THR C 29 -4.16 -11.85 -17.01
C THR C 29 -2.93 -11.51 -17.84
N SER C 30 -3.03 -11.71 -19.15
CA SER C 30 -1.90 -11.46 -20.03
C SER C 30 -1.82 -10.00 -20.41
N GLN C 31 -0.58 -9.53 -20.58
CA GLN C 31 -0.36 -8.16 -21.06
C GLN C 31 -0.95 -7.92 -22.45
N PRO C 32 -0.80 -8.81 -23.45
CA PRO C 32 -1.49 -8.58 -24.73
C PRO C 32 -3.00 -8.49 -24.55
N GLY C 33 -3.58 -9.28 -23.66
CA GLY C 33 -5.01 -9.17 -23.40
C GLY C 33 -5.44 -7.79 -22.95
N ILE C 34 -4.71 -7.21 -21.99
CA ILE C 34 -5.05 -5.89 -21.49
C ILE C 34 -4.93 -4.84 -22.59
N SER C 35 -3.82 -4.87 -23.32
CA SER C 35 -3.56 -3.88 -24.35
C SER C 35 -4.62 -3.93 -25.44
N LYS C 36 -5.09 -5.14 -25.75
CA LYS C 36 -6.10 -5.29 -26.79
C LYS C 36 -7.43 -4.68 -26.34
N GLN C 37 -7.77 -4.85 -25.07
CA GLN C 37 -9.04 -4.32 -24.59
C GLN C 37 -9.01 -2.80 -24.51
N ILE C 38 -7.88 -2.24 -24.09
CA ILE C 38 -7.74 -0.79 -24.03
C ILE C 38 -7.87 -0.19 -25.42
N ARG C 39 -7.19 -0.80 -26.40
CA ARG C 39 -7.24 -0.29 -27.77
C ARG C 39 -8.67 -0.37 -28.32
N LEU C 40 -9.40 -1.42 -27.94
CA LEU C 40 -10.81 -1.51 -28.33
C LEU C 40 -11.62 -0.36 -27.74
N LEU C 41 -11.45 -0.08 -26.44
CA LEU C 41 -12.14 1.04 -25.80
C LEU C 41 -11.85 2.35 -26.52
N GLU C 42 -10.56 2.62 -26.79
CA GLU C 42 -10.20 3.88 -27.42
C GLU C 42 -10.79 3.99 -28.82
N ASP C 43 -10.92 2.87 -29.54
CA ASP C 43 -11.61 2.88 -30.82
C ASP C 43 -13.07 3.26 -30.67
N GLU C 44 -13.74 2.72 -29.65
CA GLU C 44 -15.17 3.03 -29.46
C GLU C 44 -15.39 4.48 -29.05
N LEU C 45 -14.49 5.05 -28.23
CA LEU C 45 -14.61 6.42 -27.76
C LEU C 45 -14.08 7.46 -28.73
N GLY C 46 -13.20 7.10 -29.65
CA GLY C 46 -12.63 8.09 -30.54
C GLY C 46 -11.59 9.00 -29.91
N VAL C 47 -11.04 8.63 -28.76
CA VAL C 47 -9.92 9.35 -28.16
C VAL C 47 -8.97 8.35 -27.52
N GLU C 48 -7.70 8.72 -27.44
CA GLU C 48 -6.76 7.89 -26.71
C GLU C 48 -6.77 8.28 -25.25
N VAL C 49 -6.73 7.26 -24.40
CA VAL C 49 -6.59 7.47 -22.96
C VAL C 49 -5.12 7.66 -22.59
N PHE C 50 -4.23 6.97 -23.29
CA PHE C 50 -2.79 6.99 -23.02
C PHE C 50 -2.03 7.32 -24.29
N ALA C 51 -0.95 8.10 -24.15
CA ALA C 51 -0.02 8.21 -25.26
C ALA C 51 0.76 6.91 -25.35
N ARG C 52 1.03 6.47 -26.57
CA ARG C 52 1.58 5.13 -26.78
C ARG C 52 2.96 5.18 -27.41
N SER C 53 3.63 4.02 -27.35
CA SER C 53 4.92 3.81 -28.00
C SER C 53 5.16 2.30 -28.05
N GLY C 54 4.63 1.66 -29.09
CA GLY C 54 4.74 0.22 -29.24
C GLY C 54 3.97 -0.55 -28.19
N HIS C 56 4.50 0.31 -25.23
CA HIS C 56 4.56 0.99 -23.94
C HIS C 56 3.72 2.27 -23.96
N LEU C 57 3.04 2.54 -22.85
CA LEU C 57 2.34 3.80 -22.64
C LEU C 57 3.24 4.82 -21.98
N THR C 58 3.13 6.08 -22.42
CA THR C 58 4.02 7.12 -21.92
C THR C 58 3.36 8.10 -20.96
N ARG C 59 2.09 8.45 -21.19
CA ARG C 59 1.40 9.41 -20.33
C ARG C 59 -0.09 9.26 -20.54
N VAL C 60 -0.84 9.82 -19.61
CA VAL C 60 -2.29 9.92 -19.70
C VAL C 60 -2.62 11.16 -20.50
N THR C 61 -3.56 11.05 -21.42
CA THR C 61 -3.93 12.18 -22.23
C THR C 61 -4.90 13.06 -21.46
N PRO C 62 -5.11 14.31 -21.91
CA PRO C 62 -6.13 15.15 -21.24
C PRO C 62 -7.51 14.52 -21.19
N ALA C 63 -7.99 13.91 -22.28
CA ALA C 63 -9.24 13.19 -22.18
C ALA C 63 -9.12 11.99 -21.25
N GLY C 64 -7.96 11.32 -21.28
CA GLY C 64 -7.78 10.14 -20.44
C GLY C 64 -7.91 10.42 -18.96
N GLU C 65 -7.38 11.57 -18.51
CA GLU C 65 -7.38 11.88 -17.09
C GLU C 65 -8.80 11.90 -16.53
N ARG C 66 -9.72 12.56 -17.24
CA ARG C 66 -11.11 12.62 -16.81
C ARG C 66 -11.76 11.26 -16.91
N ILE C 67 -11.57 10.56 -18.03
CA ILE C 67 -12.20 9.27 -18.23
C ILE C 67 -11.73 8.28 -17.17
N ILE C 68 -10.43 8.29 -16.86
CA ILE C 68 -9.91 7.41 -15.82
C ILE C 68 -10.55 7.74 -14.47
N HIS C 69 -10.68 9.04 -14.16
CA HIS C 69 -11.29 9.43 -12.90
C HIS C 69 -12.72 8.92 -12.79
N THR C 70 -13.50 9.05 -13.87
CA THR C 70 -14.87 8.57 -13.88
C THR C 70 -14.92 7.05 -13.84
N ALA C 71 -13.99 6.40 -14.54
CA ALA C 71 -13.89 4.95 -14.46
C ALA C 71 -13.71 4.48 -13.02
N GLY C 72 -12.90 5.19 -12.25
CA GLY C 72 -12.75 4.81 -10.85
C GLY C 72 -14.05 4.93 -10.07
N GLU C 73 -14.80 6.01 -10.32
CA GLU C 73 -16.09 6.15 -9.67
C GLU C 73 -17.02 4.99 -10.02
N ILE C 74 -17.03 4.59 -11.31
CA ILE C 74 -17.86 3.46 -11.73
C ILE C 74 -17.44 2.18 -11.02
N LEU C 75 -16.14 1.92 -10.94
CA LEU C 75 -15.66 0.70 -10.28
C LEU C 75 -16.03 0.68 -8.79
N ARG C 76 -15.96 1.82 -8.12
CA ARG C 76 -16.40 1.88 -6.72
C ARG C 76 -17.87 1.54 -6.61
N LYS C 77 -18.68 1.96 -7.59
CA LYS C 77 -20.11 1.72 -7.55
C LYS C 77 -20.45 0.27 -7.89
N VAL C 78 -19.70 -0.34 -8.81
CA VAL C 78 -19.85 -1.76 -9.06
C VAL C 78 -19.53 -2.57 -7.80
N GLU C 79 -18.48 -2.18 -7.07
CA GLU C 79 -18.15 -2.87 -5.81
C GLU C 79 -19.27 -2.72 -4.78
N SER C 80 -19.94 -1.56 -4.75
CA SER C 80 -21.04 -1.43 -3.79
C SER C 80 -22.23 -2.31 -4.20
N ILE C 81 -22.45 -2.50 -5.50
CA ILE C 81 -23.51 -3.41 -5.94
C ILE C 81 -23.23 -4.82 -5.45
N LYS C 82 -21.98 -5.28 -5.59
CA LYS C 82 -21.60 -6.58 -5.03
C LYS C 82 -21.77 -6.62 -3.52
N GLN C 83 -21.53 -5.50 -2.83
CA GLN C 83 -21.73 -5.46 -1.38
C GLN C 83 -23.19 -5.52 -0.99
N ILE C 84 -24.04 -4.82 -1.75
CA ILE C 84 -25.47 -4.91 -1.48
C ILE C 84 -25.95 -6.34 -1.62
N ALA C 85 -25.54 -7.01 -2.70
CA ALA C 85 -25.95 -8.39 -2.93
C ALA C 85 -25.46 -9.30 -1.82
N GLN C 86 -24.23 -9.09 -1.33
CA GLN C 86 -23.72 -9.87 -0.20
C GLN C 86 -24.56 -9.64 1.05
N GLU C 87 -24.95 -8.38 1.28
CA GLU C 87 -25.63 -8.03 2.52
C GLU C 87 -27.03 -8.64 2.57
N PHE C 88 -27.72 -8.75 1.43
CA PHE C 88 -29.08 -9.23 1.36
C PHE C 88 -29.24 -10.72 1.08
N SER C 89 -28.15 -11.47 0.97
CA SER C 89 -28.25 -12.93 0.85
C SER C 89 -27.87 -13.57 2.18
S SO4 D . -18.89 8.04 9.93
O1 SO4 D . -18.05 9.07 10.55
O2 SO4 D . -18.56 6.72 10.48
O3 SO4 D . -20.31 8.34 10.22
O4 SO4 D . -18.67 8.04 8.48
#